data_2QSV
#
_entry.id   2QSV
#
_cell.length_a   107.237
_cell.length_b   107.237
_cell.length_c   59.833
_cell.angle_alpha   90.00
_cell.angle_beta   90.00
_cell.angle_gamma   120.00
#
_symmetry.space_group_name_H-M   'P 31 2 1'
#
loop_
_entity.id
_entity.type
_entity.pdbx_description
1 polymer 'Uncharacterized protein'
2 non-polymer 'SULFATE ION'
3 non-polymer 'SODIUM ION'
4 water water
#
_entity_poly.entity_id   1
_entity_poly.type   'polypeptide(L)'
_entity_poly.pdbx_seq_one_letter_code
;GPLQVSNARLLFPIS(MSE)PEDEGVVRLVVNNTDESDLQVAVVSLPSFVSLDDRAFRLQAREPRELNLSLAVPRN
(MSE)PPG(MSE)KDEPLVLEVTSPETGKKAVDSV(MSE)VSLPLVDNFPALTAAQTGV(MSE)ELSTYLD(MSE)GQLD
GETTKAAIEIRNVGAGPLRLHSVTTRNPALTAVPDRTEIKPGGSTLLRIAVDPQV(MSE)KAEGWQSIAADISIICNDPQ
APLRRIKVKAEL
;
_entity_poly.pdbx_strand_id   A
#
loop_
_chem_comp.id
_chem_comp.type
_chem_comp.name
_chem_comp.formula
NA non-polymer 'SODIUM ION' 'Na 1'
SO4 non-polymer 'SULFATE ION' 'O4 S -2'
#
# COMPACT_ATOMS: atom_id res chain seq x y z
N GLY A 1 14.38 -11.57 15.90
CA GLY A 1 15.35 -12.70 15.89
C GLY A 1 16.65 -12.42 15.14
N PRO A 2 17.35 -13.49 14.71
CA PRO A 2 18.65 -13.43 14.00
C PRO A 2 18.64 -12.76 12.61
N LEU A 3 17.67 -13.11 11.77
CA LEU A 3 17.56 -12.58 10.41
C LEU A 3 17.25 -11.09 10.40
N GLN A 4 18.01 -10.37 9.58
CA GLN A 4 17.85 -8.93 9.42
C GLN A 4 17.46 -8.70 7.95
N VAL A 5 16.54 -7.76 7.72
CA VAL A 5 16.00 -7.54 6.36
C VAL A 5 16.29 -6.11 5.88
N SER A 6 16.60 -5.98 4.58
CA SER A 6 16.78 -4.66 3.95
C SER A 6 15.59 -3.71 4.09
N ASN A 7 14.38 -4.26 4.02
CA ASN A 7 13.15 -3.47 4.01
C ASN A 7 12.01 -4.10 4.82
N ALA A 8 11.28 -3.26 5.55
CA ALA A 8 10.06 -3.70 6.21
C ALA A 8 8.93 -3.82 5.15
N ARG A 9 9.02 -2.97 4.11
CA ARG A 9 8.01 -2.88 3.05
CA ARG A 9 8.01 -2.96 3.06
C ARG A 9 8.67 -2.99 1.67
N LEU A 10 8.01 -3.67 0.74
CA LEU A 10 8.47 -3.73 -0.65
C LEU A 10 7.32 -3.23 -1.52
N LEU A 11 7.63 -2.43 -2.53
CA LEU A 11 6.58 -1.74 -3.29
C LEU A 11 6.88 -1.85 -4.76
N PHE A 12 5.99 -2.52 -5.49
CA PHE A 12 6.09 -2.61 -6.94
C PHE A 12 5.72 -1.24 -7.53
N PRO A 13 6.26 -0.90 -8.73
CA PRO A 13 5.73 0.32 -9.37
C PRO A 13 4.23 0.15 -9.74
N ILE A 14 3.53 1.25 -9.97
CA ILE A 14 2.21 1.24 -10.62
C ILE A 14 2.29 0.30 -11.82
N SER A 15 1.40 -0.68 -11.85
CA SER A 15 1.45 -1.73 -12.87
C SER A 15 0.11 -2.07 -13.44
N MSE A 16 0.13 -2.46 -14.72
CA MSE A 16 -1.01 -3.10 -15.38
C MSE A 16 -0.88 -4.63 -15.30
O MSE A 16 0.23 -5.14 -15.05
CB MSE A 16 -1.12 -2.62 -16.80
CG MSE A 16 -1.40 -1.14 -16.88
SE MSE A 16 -1.42 -0.62 -18.74
CE MSE A 16 -2.02 1.21 -18.54
N PRO A 17 -1.99 -5.37 -15.49
CA PRO A 17 -1.91 -6.81 -15.25
C PRO A 17 -0.82 -7.56 -16.01
N GLU A 18 -0.44 -7.06 -17.18
CA GLU A 18 0.59 -7.72 -18.01
C GLU A 18 2.01 -7.24 -17.75
N ASP A 19 2.17 -6.22 -16.92
CA ASP A 19 3.49 -5.73 -16.56
C ASP A 19 4.37 -6.80 -15.91
N GLU A 20 5.66 -6.73 -16.22
CA GLU A 20 6.68 -7.48 -15.52
C GLU A 20 7.30 -6.50 -14.53
N GLY A 21 8.11 -7.00 -13.62
CA GLY A 21 8.64 -6.11 -12.60
C GLY A 21 9.25 -6.95 -11.51
N VAL A 22 10.14 -6.35 -10.74
CA VAL A 22 10.89 -7.10 -9.77
C VAL A 22 11.16 -6.22 -8.58
N VAL A 23 11.03 -6.79 -7.39
CA VAL A 23 11.37 -6.12 -6.15
C VAL A 23 12.42 -6.99 -5.44
N ARG A 24 13.39 -6.34 -4.83
CA ARG A 24 14.53 -7.05 -4.25
C ARG A 24 14.55 -6.90 -2.75
N LEU A 25 14.68 -8.03 -2.06
CA LEU A 25 14.89 -8.03 -0.63
C LEU A 25 16.25 -8.65 -0.30
N VAL A 26 17.04 -7.95 0.52
CA VAL A 26 18.30 -8.53 1.04
C VAL A 26 18.17 -8.98 2.50
N VAL A 27 18.23 -10.29 2.72
CA VAL A 27 18.25 -10.84 4.06
C VAL A 27 19.70 -11.12 4.53
N ASN A 28 19.88 -11.01 5.84
CA ASN A 28 21.20 -11.16 6.48
C ASN A 28 21.17 -11.91 7.82
N ASN A 29 22.02 -12.92 7.89
CA ASN A 29 22.23 -13.74 9.09
C ASN A 29 23.15 -13.03 10.10
N THR A 30 22.55 -12.44 11.14
CA THR A 30 23.29 -11.63 12.10
C THR A 30 24.07 -12.45 13.12
N ASP A 31 23.37 -13.37 13.78
CA ASP A 31 23.89 -13.93 15.00
C ASP A 31 24.58 -15.24 14.75
N GLU A 32 25.91 -15.13 14.71
CA GLU A 32 26.78 -16.25 15.10
C GLU A 32 26.82 -17.39 14.10
N SER A 33 25.77 -18.21 14.13
CA SER A 33 25.83 -19.52 13.51
C SER A 33 24.81 -19.65 12.40
N ASP A 34 24.59 -20.89 11.97
CA ASP A 34 23.69 -21.19 10.88
C ASP A 34 22.26 -20.74 11.15
N LEU A 35 21.70 -20.07 10.13
CA LEU A 35 20.25 -19.82 10.03
C LEU A 35 19.68 -20.66 8.88
N GLN A 36 18.65 -21.42 9.20
CA GLN A 36 17.87 -22.08 8.18
C GLN A 36 16.63 -21.22 7.88
N VAL A 37 16.48 -20.83 6.62
CA VAL A 37 15.44 -19.88 6.22
C VAL A 37 14.47 -20.48 5.22
N ALA A 38 13.19 -20.39 5.54
CA ALA A 38 12.15 -20.77 4.60
C ALA A 38 11.22 -19.57 4.39
N VAL A 39 10.96 -19.28 3.12
CA VAL A 39 9.90 -18.35 2.72
C VAL A 39 8.62 -19.18 2.72
N VAL A 40 7.86 -19.08 3.80
CA VAL A 40 6.71 -19.96 4.02
C VAL A 40 5.41 -19.51 3.32
N SER A 41 5.32 -18.22 2.98
CA SER A 41 4.17 -17.71 2.25
C SER A 41 4.61 -16.56 1.33
N LEU A 42 4.14 -16.57 0.09
CA LEU A 42 4.41 -15.52 -0.90
C LEU A 42 3.12 -14.81 -1.22
N PRO A 43 3.16 -13.48 -1.47
CA PRO A 43 2.02 -12.78 -2.08
C PRO A 43 1.50 -13.50 -3.33
N SER A 44 0.17 -13.51 -3.52
CA SER A 44 -0.45 -14.16 -4.67
C SER A 44 -0.01 -13.59 -6.03
N PHE A 45 0.56 -12.38 -6.02
CA PHE A 45 0.93 -11.67 -7.24
C PHE A 45 2.44 -11.69 -7.50
N VAL A 46 3.17 -12.49 -6.73
CA VAL A 46 4.62 -12.61 -6.96
C VAL A 46 5.09 -14.04 -7.23
N SER A 47 6.27 -14.13 -7.84
CA SER A 47 7.00 -15.37 -8.08
C SER A 47 8.34 -15.32 -7.38
N LEU A 48 8.70 -16.44 -6.74
CA LEU A 48 10.02 -16.61 -6.14
C LEU A 48 10.44 -18.09 -6.16
N ASP A 49 11.54 -18.40 -6.85
CA ASP A 49 12.13 -19.75 -6.82
C ASP A 49 13.09 -19.91 -5.63
N ASP A 50 13.77 -18.84 -5.25
CA ASP A 50 14.61 -18.86 -4.05
C ASP A 50 13.76 -18.92 -2.77
N ARG A 51 13.23 -20.12 -2.46
CA ARG A 51 12.23 -20.29 -1.39
C ARG A 51 12.69 -21.03 -0.13
N ALA A 52 13.75 -21.81 -0.23
CA ALA A 52 14.24 -22.61 0.90
C ALA A 52 15.76 -22.71 0.82
N PHE A 53 16.43 -21.86 1.57
CA PHE A 53 17.88 -21.75 1.47
C PHE A 53 18.59 -21.77 2.82
N ARG A 54 19.89 -22.06 2.80
CA ARG A 54 20.79 -21.85 3.97
C ARG A 54 21.62 -20.57 3.91
N LEU A 55 21.84 -19.98 5.10
CA LEU A 55 22.57 -18.71 5.24
C LEU A 55 23.67 -18.79 6.27
N GLN A 56 24.87 -18.34 5.91
CA GLN A 56 26.05 -18.48 6.77
C GLN A 56 26.23 -17.39 7.84
N ALA A 57 26.37 -16.13 7.45
CA ALA A 57 26.78 -15.12 8.41
C ALA A 57 26.72 -13.80 7.71
N ARG A 58 26.74 -12.74 8.51
CA ARG A 58 26.73 -11.37 8.01
C ARG A 58 25.39 -10.92 7.39
N GLU A 59 25.48 -10.34 6.19
CA GLU A 59 24.32 -9.84 5.44
C GLU A 59 24.39 -10.38 3.98
N PRO A 60 24.31 -11.73 3.84
CA PRO A 60 24.80 -12.41 2.64
C PRO A 60 23.89 -12.46 1.43
N ARG A 61 22.62 -12.85 1.56
CA ARG A 61 21.79 -13.24 0.39
C ARG A 61 20.68 -12.27 -0.13
N GLU A 62 20.24 -12.47 -1.38
CA GLU A 62 19.20 -11.63 -2.02
C GLU A 62 18.00 -12.39 -2.56
N LEU A 63 16.82 -11.82 -2.36
CA LEU A 63 15.59 -12.39 -2.91
C LEU A 63 14.99 -11.42 -3.93
N ASN A 64 14.73 -11.93 -5.13
CA ASN A 64 14.10 -11.15 -6.19
C ASN A 64 12.69 -11.64 -6.46
N LEU A 65 11.71 -10.85 -6.04
CA LEU A 65 10.32 -11.18 -6.24
C LEU A 65 9.88 -10.62 -7.58
N SER A 66 9.53 -11.52 -8.49
CA SER A 66 8.98 -11.16 -9.80
C SER A 66 7.48 -10.98 -9.73
N LEU A 67 7.00 -9.96 -10.43
CA LEU A 67 5.59 -9.71 -10.53
C LEU A 67 4.93 -10.74 -11.42
N ALA A 68 3.86 -11.33 -10.91
CA ALA A 68 3.07 -12.30 -11.66
C ALA A 68 1.61 -12.08 -11.29
N VAL A 69 0.93 -11.15 -11.95
CA VAL A 69 -0.43 -10.82 -11.54
C VAL A 69 -1.37 -11.96 -11.94
N PRO A 70 -2.14 -12.49 -10.99
CA PRO A 70 -3.14 -13.49 -11.36
C PRO A 70 -4.12 -12.93 -12.40
N ARG A 71 -4.40 -13.74 -13.42
N ARG A 71 -4.42 -13.75 -13.41
CA ARG A 71 -5.39 -13.40 -14.44
CA ARG A 71 -5.42 -13.43 -14.42
C ARG A 71 -6.70 -13.11 -13.69
C ARG A 71 -6.70 -13.10 -13.67
N ASN A 72 -7.46 -12.14 -14.16
CA ASN A 72 -8.70 -11.76 -13.45
C ASN A 72 -8.52 -11.20 -12.00
N MSE A 73 -7.30 -10.88 -11.57
CA MSE A 73 -7.15 -10.05 -10.36
C MSE A 73 -7.68 -8.65 -10.74
O MSE A 73 -7.23 -8.07 -11.72
CB MSE A 73 -5.68 -9.98 -9.88
CG MSE A 73 -5.44 -9.11 -8.61
SE MSE A 73 -3.71 -9.07 -7.94
CE MSE A 73 -3.93 -10.26 -6.68
N PRO A 74 -8.63 -8.11 -9.98
CA PRO A 74 -9.12 -6.76 -10.23
C PRO A 74 -8.10 -5.65 -9.79
N PRO A 75 -8.18 -4.45 -10.40
CA PRO A 75 -7.29 -3.35 -9.99
C PRO A 75 -7.55 -2.85 -8.55
N GLY A 76 -6.61 -2.08 -8.03
CA GLY A 76 -6.66 -1.70 -6.62
C GLY A 76 -5.30 -1.92 -5.98
N MSE A 77 -5.13 -1.38 -4.78
CA MSE A 77 -3.88 -1.56 -4.01
C MSE A 77 -3.93 -2.92 -3.33
O MSE A 77 -4.92 -3.27 -2.66
CB MSE A 77 -3.79 -0.44 -2.96
CG MSE A 77 -2.48 -0.43 -2.15
SE MSE A 77 -1.06 0.28 -3.27
CE MSE A 77 -1.47 2.20 -3.40
N LYS A 78 -2.91 -3.75 -3.60
CA LYS A 78 -2.81 -5.06 -3.00
C LYS A 78 -1.70 -4.99 -1.97
N ASP A 79 -1.94 -5.53 -0.79
CA ASP A 79 -0.94 -5.58 0.28
C ASP A 79 -0.95 -6.99 0.79
N GLU A 80 0.14 -7.73 0.57
CA GLU A 80 0.22 -9.12 1.01
C GLU A 80 1.60 -9.41 1.60
N PRO A 81 1.66 -10.20 2.68
CA PRO A 81 2.96 -10.45 3.33
C PRO A 81 3.85 -11.49 2.63
N LEU A 82 5.14 -11.22 2.65
CA LEU A 82 6.12 -12.27 2.40
C LEU A 82 6.51 -12.84 3.80
N VAL A 83 6.23 -14.12 4.03
CA VAL A 83 6.43 -14.64 5.40
C VAL A 83 7.75 -15.42 5.51
N LEU A 84 8.60 -14.94 6.41
CA LEU A 84 9.92 -15.57 6.64
C LEU A 84 10.02 -16.34 7.95
N GLU A 85 10.28 -17.63 7.83
CA GLU A 85 10.46 -18.50 8.98
C GLU A 85 11.93 -18.86 9.17
N VAL A 86 12.49 -18.43 10.29
CA VAL A 86 13.90 -18.64 10.59
C VAL A 86 14.10 -19.67 11.71
N THR A 87 14.95 -20.67 11.45
CA THR A 87 15.33 -21.66 12.46
C THR A 87 16.85 -21.76 12.61
N SER A 88 17.32 -21.48 13.82
CA SER A 88 18.74 -21.56 14.20
C SER A 88 19.07 -22.97 14.69
N PRO A 89 19.72 -23.81 13.85
CA PRO A 89 19.96 -25.24 14.23
C PRO A 89 20.40 -25.48 15.69
N GLU A 90 21.05 -24.49 16.31
CA GLU A 90 21.72 -24.70 17.57
C GLU A 90 21.08 -24.05 18.82
N THR A 91 20.92 -22.73 18.72
CA THR A 91 20.66 -21.83 19.87
C THR A 91 19.18 -21.67 20.21
N GLY A 92 18.36 -22.64 19.82
CA GLY A 92 16.90 -22.46 19.86
C GLY A 92 16.37 -22.83 18.50
N LYS A 93 15.14 -22.40 18.20
CA LYS A 93 14.61 -22.65 16.85
C LYS A 93 14.12 -21.35 16.20
N LYS A 94 12.87 -20.95 16.51
CA LYS A 94 12.04 -20.16 15.62
C LYS A 94 11.90 -18.68 15.92
N ALA A 95 12.00 -17.89 14.87
CA ALA A 95 11.37 -16.59 14.78
C ALA A 95 10.64 -16.54 13.43
N VAL A 96 9.46 -15.96 13.41
CA VAL A 96 8.70 -15.76 12.18
C VAL A 96 8.49 -14.27 12.00
N ASP A 97 8.79 -13.79 10.81
CA ASP A 97 8.53 -12.39 10.47
C ASP A 97 8.07 -12.20 9.04
N SER A 98 7.36 -11.10 8.82
CA SER A 98 6.87 -10.81 7.49
C SER A 98 7.27 -9.43 6.97
N VAL A 99 7.44 -9.35 5.66
CA VAL A 99 7.65 -8.10 4.96
C VAL A 99 6.38 -7.88 4.15
N MSE A 100 5.79 -6.71 4.26
CA MSE A 100 4.61 -6.37 3.47
C MSE A 100 4.99 -6.01 2.05
O MSE A 100 5.84 -5.15 1.82
CB MSE A 100 3.80 -5.24 4.10
CG MSE A 100 2.36 -5.10 3.51
SE MSE A 100 1.17 -6.64 3.85
CE MSE A 100 1.44 -6.92 5.78
N VAL A 101 4.38 -6.68 1.07
CA VAL A 101 4.60 -6.40 -0.32
C VAL A 101 3.34 -5.70 -0.88
N SER A 102 3.52 -4.53 -1.49
CA SER A 102 2.43 -3.73 -2.05
C SER A 102 2.50 -3.60 -3.56
N LEU A 103 1.33 -3.66 -4.18
CA LEU A 103 1.17 -3.52 -5.61
C LEU A 103 0.03 -2.53 -5.89
N PRO A 104 0.36 -1.39 -6.54
CA PRO A 104 -0.68 -0.51 -7.14
C PRO A 104 -1.09 -1.03 -8.51
N LEU A 105 -2.11 -1.88 -8.54
CA LEU A 105 -2.54 -2.53 -9.77
C LEU A 105 -3.63 -1.65 -10.41
N VAL A 106 -3.38 -1.19 -11.64
CA VAL A 106 -4.32 -0.29 -12.33
C VAL A 106 -4.99 -0.99 -13.55
N ASP A 107 -5.96 -0.33 -14.16
CA ASP A 107 -6.60 -0.82 -15.41
C ASP A 107 -5.67 -0.91 -16.62
N ASN A 108 -5.98 -1.87 -17.48
CA ASN A 108 -5.40 -1.86 -18.83
C ASN A 108 -6.08 -0.82 -19.72
N PHE A 109 -5.59 0.43 -19.63
CA PHE A 109 -6.26 1.56 -20.24
C PHE A 109 -6.29 1.56 -21.77
N PRO A 110 -5.21 1.07 -22.46
CA PRO A 110 -5.30 0.96 -23.95
C PRO A 110 -6.42 0.04 -24.45
N ALA A 111 -6.82 -0.92 -23.63
CA ALA A 111 -8.02 -1.71 -23.89
C ALA A 111 -9.37 -1.07 -23.49
N LEU A 112 -9.38 0.15 -22.92
CA LEU A 112 -10.66 0.79 -22.51
C LEU A 112 -10.98 2.01 -23.36
N THR A 113 -12.25 2.22 -23.67
CA THR A 113 -12.62 3.44 -24.41
C THR A 113 -13.00 4.54 -23.41
N ALA A 114 -13.11 5.77 -23.91
CA ALA A 114 -13.56 6.93 -23.13
C ALA A 114 -14.92 6.73 -22.47
N ALA A 115 -15.81 5.95 -23.09
CA ALA A 115 -17.15 5.73 -22.52
C ALA A 115 -17.05 4.74 -21.37
N GLN A 116 -15.92 4.09 -21.26
CA GLN A 116 -15.72 3.20 -20.11
C GLN A 116 -14.86 3.78 -18.97
N THR A 117 -14.36 5.00 -19.07
CA THR A 117 -13.43 5.50 -18.05
C THR A 117 -13.94 6.80 -17.51
N GLY A 118 -13.50 7.15 -16.30
CA GLY A 118 -13.87 8.40 -15.66
C GLY A 118 -12.70 9.41 -15.66
N VAL A 119 -12.98 10.63 -15.21
CA VAL A 119 -11.94 11.65 -15.01
C VAL A 119 -12.26 12.21 -13.63
N MSE A 120 -11.32 12.03 -12.70
CA MSE A 120 -11.53 12.42 -11.30
C MSE A 120 -11.09 13.86 -11.04
O MSE A 120 -9.93 14.25 -11.35
CB MSE A 120 -10.81 11.43 -10.34
CG MSE A 120 -11.14 11.68 -8.81
SE MSE A 120 -10.89 10.09 -7.77
CE MSE A 120 -8.88 10.26 -7.81
N GLU A 121 -11.99 14.64 -10.46
N GLU A 121 -12.00 14.68 -10.49
CA GLU A 121 -11.64 15.96 -9.97
CA GLU A 121 -11.64 15.99 -9.96
C GLU A 121 -11.89 16.01 -8.45
C GLU A 121 -11.90 16.04 -8.46
N LEU A 122 -10.87 16.45 -7.69
CA LEU A 122 -10.98 16.62 -6.23
C LEU A 122 -9.84 17.51 -5.69
N SER A 123 -10.02 17.90 -4.45
CA SER A 123 -8.98 18.56 -3.70
C SER A 123 -7.93 17.53 -3.27
N THR A 124 -6.68 17.83 -3.56
CA THR A 124 -5.60 16.90 -3.21
C THR A 124 -4.68 17.38 -2.06
N TYR A 125 -5.13 18.42 -1.36
CA TYR A 125 -4.38 18.99 -0.27
C TYR A 125 -5.39 19.42 0.77
N LEU A 126 -5.35 18.80 1.93
CA LEU A 126 -6.24 19.17 2.99
C LEU A 126 -5.45 19.45 4.28
N ASP A 127 -5.46 20.70 4.74
CA ASP A 127 -4.82 21.01 6.02
C ASP A 127 -5.92 21.17 7.04
N MSE A 128 -6.03 20.20 7.95
CA MSE A 128 -7.08 20.25 8.96
C MSE A 128 -6.80 21.16 10.16
O MSE A 128 -7.66 21.32 11.04
CB MSE A 128 -7.41 18.86 9.43
CG MSE A 128 -7.86 18.00 8.26
SE MSE A 128 -8.41 16.29 8.85
CE MSE A 128 -9.69 16.69 10.20
N GLY A 129 -5.64 21.79 10.17
CA GLY A 129 -5.22 22.65 11.27
C GLY A 129 -5.01 21.92 12.59
N GLN A 130 -5.28 22.64 13.68
N GLN A 130 -5.29 22.63 13.68
CA GLN A 130 -5.11 22.16 15.03
CA GLN A 130 -5.10 22.15 15.04
C GLN A 130 -6.36 21.46 15.54
C GLN A 130 -6.36 21.46 15.54
N LEU A 131 -6.19 20.22 16.01
CA LEU A 131 -7.32 19.38 16.41
C LEU A 131 -7.69 19.42 17.89
N ASP A 132 -6.71 19.72 18.76
CA ASP A 132 -6.92 19.83 20.22
C ASP A 132 -7.84 18.72 20.81
N GLY A 133 -7.44 17.45 20.63
CA GLY A 133 -7.99 16.36 21.44
C GLY A 133 -9.32 15.69 21.09
N GLU A 134 -9.89 16.00 19.93
CA GLU A 134 -11.16 15.38 19.53
C GLU A 134 -11.07 14.76 18.11
N THR A 135 -11.68 13.60 17.87
CA THR A 135 -11.64 13.00 16.53
C THR A 135 -12.37 13.92 15.56
N THR A 136 -11.66 14.32 14.52
CA THR A 136 -12.11 15.37 13.63
C THR A 136 -12.38 14.79 12.23
N LYS A 137 -13.58 15.07 11.75
CA LYS A 137 -14.05 14.65 10.46
C LYS A 137 -13.90 15.73 9.41
N ALA A 138 -13.68 15.32 8.17
CA ALA A 138 -13.73 16.21 7.03
C ALA A 138 -14.31 15.43 5.86
N ALA A 139 -14.64 16.11 4.79
CA ALA A 139 -15.19 15.43 3.61
C ALA A 139 -14.62 16.09 2.38
N ILE A 140 -14.11 15.31 1.45
CA ILE A 140 -13.67 15.85 0.19
C ILE A 140 -14.62 15.37 -0.87
N GLU A 141 -15.13 16.28 -1.69
CA GLU A 141 -15.99 15.90 -2.79
C GLU A 141 -15.19 15.39 -3.96
N ILE A 142 -15.53 14.20 -4.38
CA ILE A 142 -14.90 13.64 -5.51
C ILE A 142 -15.85 13.70 -6.70
N ARG A 143 -15.36 14.29 -7.78
N ARG A 143 -15.45 14.42 -7.76
CA ARG A 143 -16.20 14.58 -8.89
CA ARG A 143 -16.33 14.58 -8.91
C ARG A 143 -15.77 13.76 -10.11
C ARG A 143 -15.80 13.79 -10.09
N ASN A 144 -16.75 13.22 -10.85
CA ASN A 144 -16.46 12.63 -12.16
C ASN A 144 -16.79 13.59 -13.29
N VAL A 145 -15.76 13.97 -14.04
CA VAL A 145 -15.96 14.87 -15.16
C VAL A 145 -15.70 14.13 -16.44
N GLY A 146 -15.55 12.82 -16.38
CA GLY A 146 -15.30 12.04 -17.59
C GLY A 146 -16.61 11.73 -18.37
N ALA A 147 -16.48 10.87 -19.36
CA ALA A 147 -17.58 10.44 -20.24
C ALA A 147 -18.16 9.09 -19.82
N GLY A 148 -17.39 8.34 -19.03
CA GLY A 148 -17.77 7.06 -18.49
C GLY A 148 -17.86 7.12 -16.96
N PRO A 149 -18.28 6.00 -16.35
CA PRO A 149 -18.38 5.92 -14.89
C PRO A 149 -16.95 5.91 -14.29
N LEU A 150 -16.78 6.72 -13.26
CA LEU A 150 -15.54 6.76 -12.48
C LEU A 150 -15.65 5.70 -11.41
N ARG A 151 -14.70 4.76 -11.40
CA ARG A 151 -14.65 3.69 -10.43
C ARG A 151 -13.49 3.86 -9.46
N LEU A 152 -13.76 3.73 -8.17
CA LEU A 152 -12.74 3.87 -7.14
C LEU A 152 -12.40 2.47 -6.72
N HIS A 153 -11.34 1.93 -7.31
CA HIS A 153 -10.98 0.55 -7.05
C HIS A 153 -10.48 0.35 -5.63
N SER A 154 -9.72 1.31 -5.09
CA SER A 154 -9.32 1.21 -3.68
C SER A 154 -9.05 2.60 -3.12
N VAL A 155 -9.20 2.76 -1.81
CA VAL A 155 -8.92 4.00 -1.14
C VAL A 155 -8.18 3.55 0.12
N THR A 156 -6.89 3.85 0.18
CA THR A 156 -6.07 3.34 1.28
C THR A 156 -5.30 4.43 2.04
N THR A 157 -5.17 4.22 3.35
CA THR A 157 -4.34 5.05 4.20
C THR A 157 -3.27 4.16 4.90
N ARG A 158 -2.09 4.71 5.15
CA ARG A 158 -1.06 3.96 5.88
C ARG A 158 -0.94 4.48 7.34
N ASN A 159 -1.21 5.75 7.56
CA ASN A 159 -1.15 6.32 8.89
C ASN A 159 -2.33 5.87 9.76
N PRO A 160 -2.03 5.31 10.99
CA PRO A 160 -3.02 4.79 11.88
C PRO A 160 -3.96 5.84 12.48
N ALA A 161 -3.61 7.11 12.40
CA ALA A 161 -4.50 8.18 12.90
C ALA A 161 -5.53 8.64 11.83
N LEU A 162 -5.36 8.16 10.60
CA LEU A 162 -6.11 8.66 9.43
C LEU A 162 -6.96 7.56 8.79
N THR A 163 -8.26 7.83 8.63
CA THR A 163 -9.13 6.94 7.85
C THR A 163 -9.87 7.71 6.75
N ALA A 164 -10.21 7.01 5.66
CA ALA A 164 -10.91 7.65 4.52
C ALA A 164 -11.74 6.62 3.82
N VAL A 165 -13.07 6.87 3.76
CA VAL A 165 -14.03 5.96 3.15
C VAL A 165 -14.96 6.73 2.19
N PRO A 166 -15.02 6.32 0.89
CA PRO A 166 -15.93 7.05 0.00
C PRO A 166 -17.39 6.57 0.20
N ASP A 167 -18.38 7.47 0.04
CA ASP A 167 -19.80 7.05 0.17
C ASP A 167 -20.17 6.06 -0.95
N ARG A 168 -19.63 6.26 -2.16
CA ARG A 168 -19.86 5.37 -3.28
C ARG A 168 -18.55 5.06 -3.95
N THR A 169 -18.49 3.96 -4.67
CA THR A 169 -17.28 3.60 -5.41
C THR A 169 -17.49 3.63 -6.91
N GLU A 170 -18.69 4.00 -7.33
CA GLU A 170 -18.94 4.23 -8.75
C GLU A 170 -19.73 5.52 -8.91
N ILE A 171 -19.19 6.40 -9.75
CA ILE A 171 -19.69 7.75 -9.90
C ILE A 171 -20.00 8.00 -11.34
N LYS A 172 -21.28 8.36 -11.59
CA LYS A 172 -21.70 8.61 -13.00
C LYS A 172 -21.13 9.96 -13.50
N PRO A 173 -21.01 10.12 -14.82
CA PRO A 173 -20.55 11.42 -15.40
C PRO A 173 -21.31 12.63 -14.89
N GLY A 174 -20.57 13.67 -14.49
CA GLY A 174 -21.14 14.82 -13.85
C GLY A 174 -21.56 14.66 -12.42
N GLY A 175 -21.51 13.42 -11.91
CA GLY A 175 -21.85 13.18 -10.52
C GLY A 175 -20.68 13.32 -9.56
N SER A 176 -20.96 13.17 -8.28
CA SER A 176 -19.93 13.24 -7.27
C SER A 176 -20.29 12.37 -6.07
N THR A 177 -19.30 12.14 -5.21
CA THR A 177 -19.52 11.40 -3.96
C THR A 177 -18.65 12.08 -2.88
N LEU A 178 -18.97 11.86 -1.62
CA LEU A 178 -18.10 12.38 -0.56
C LEU A 178 -17.11 11.30 -0.12
N LEU A 179 -15.86 11.72 0.02
CA LEU A 179 -14.82 10.95 0.72
C LEU A 179 -14.86 11.37 2.16
N ARG A 180 -15.24 10.49 3.08
CA ARG A 180 -15.35 10.94 4.48
C ARG A 180 -14.01 10.65 5.16
N ILE A 181 -13.37 11.66 5.71
CA ILE A 181 -12.04 11.57 6.30
C ILE A 181 -12.20 11.82 7.81
N ALA A 182 -11.47 11.04 8.61
CA ALA A 182 -11.39 11.31 10.06
C ALA A 182 -9.94 11.19 10.56
N VAL A 183 -9.50 12.15 11.36
CA VAL A 183 -8.16 12.12 12.00
C VAL A 183 -8.36 11.99 13.52
N ASP A 184 -7.68 11.00 14.13
CA ASP A 184 -7.80 10.69 15.56
C ASP A 184 -6.56 11.25 16.30
N PRO A 185 -6.71 12.41 16.97
CA PRO A 185 -5.57 13.02 17.68
C PRO A 185 -5.07 12.16 18.86
N GLN A 186 -5.94 11.33 19.43
CA GLN A 186 -5.55 10.39 20.51
C GLN A 186 -4.57 9.31 20.02
N VAL A 187 -4.69 8.92 18.75
CA VAL A 187 -3.77 7.98 18.14
C VAL A 187 -2.46 8.69 17.93
N MSE A 188 -2.51 9.92 17.43
CA MSE A 188 -1.29 10.72 17.23
C MSE A 188 -0.53 10.93 18.55
O MSE A 188 0.71 10.86 18.58
CB MSE A 188 -1.63 12.09 16.64
CG MSE A 188 -2.37 12.04 15.31
SE MSE A 188 -3.00 13.83 14.79
CE MSE A 188 -1.41 14.96 14.95
N LYS A 189 -1.26 11.21 19.63
N LYS A 189 -1.28 11.22 19.61
CA LYS A 189 -0.64 11.35 20.94
CA LYS A 189 -0.78 11.36 20.96
C LYS A 189 -0.02 10.02 21.41
C LYS A 189 -0.07 10.06 21.42
N ALA A 190 -0.83 8.96 21.46
CA ALA A 190 -0.31 7.62 21.79
C ALA A 190 0.94 7.23 20.97
N GLU A 191 1.10 7.81 19.79
CA GLU A 191 2.27 7.56 18.93
C GLU A 191 3.36 8.63 19.06
N GLY A 192 3.15 9.61 19.95
CA GLY A 192 4.08 10.71 20.12
C GLY A 192 4.31 11.56 18.89
N TRP A 193 3.25 11.76 18.11
CA TRP A 193 3.29 12.71 16.99
C TRP A 193 2.59 14.00 17.44
N GLN A 194 3.19 15.14 17.10
N GLN A 194 3.17 15.14 17.08
CA GLN A 194 2.54 16.43 17.36
CA GLN A 194 2.59 16.42 17.36
C GLN A 194 1.78 16.84 16.12
C GLN A 194 1.80 16.85 16.12
N SER A 195 2.20 16.31 14.97
CA SER A 195 1.55 16.59 13.70
C SER A 195 1.70 15.40 12.76
N ILE A 196 0.78 15.32 11.79
CA ILE A 196 0.89 14.32 10.74
C ILE A 196 0.86 14.97 9.38
N ALA A 197 1.45 14.28 8.41
CA ALA A 197 1.35 14.66 7.04
C ALA A 197 1.24 13.31 6.32
N ALA A 198 0.02 12.94 5.94
CA ALA A 198 -0.22 11.58 5.50
C ALA A 198 -1.01 11.57 4.17
N ASP A 199 -0.77 10.58 3.34
CA ASP A 199 -1.47 10.44 2.07
C ASP A 199 -2.69 9.55 2.12
N ILE A 200 -3.78 10.02 1.49
CA ILE A 200 -4.82 9.09 1.08
C ILE A 200 -4.52 8.66 -0.35
N SER A 201 -4.41 7.36 -0.61
CA SER A 201 -4.11 6.88 -1.94
C SER A 201 -5.36 6.27 -2.59
N ILE A 202 -5.65 6.74 -3.81
CA ILE A 202 -6.85 6.29 -4.53
C ILE A 202 -6.46 5.69 -5.83
N ILE A 203 -6.83 4.45 -6.07
CA ILE A 203 -6.65 3.86 -7.38
C ILE A 203 -8.02 3.88 -8.10
N CYS A 204 -8.06 4.40 -9.31
CA CYS A 204 -9.32 4.66 -10.01
C CYS A 204 -9.08 4.47 -11.48
N ASN A 205 -10.16 4.56 -12.25
CA ASN A 205 -10.08 4.32 -13.67
C ASN A 205 -9.99 5.61 -14.44
N ASP A 206 -9.28 6.61 -13.88
CA ASP A 206 -8.90 7.82 -14.60
C ASP A 206 -7.60 7.53 -15.39
N PRO A 207 -7.66 7.49 -16.74
CA PRO A 207 -6.53 7.04 -17.54
C PRO A 207 -5.29 7.97 -17.42
N GLN A 208 -5.51 9.25 -17.13
CA GLN A 208 -4.48 10.26 -16.96
C GLN A 208 -3.80 10.27 -15.57
N ALA A 209 -4.40 9.69 -14.55
CA ALA A 209 -3.86 9.65 -13.22
C ALA A 209 -4.58 8.59 -12.37
N PRO A 210 -4.31 7.30 -12.67
CA PRO A 210 -5.03 6.19 -12.01
C PRO A 210 -4.69 5.99 -10.53
N LEU A 211 -3.54 6.53 -10.11
CA LEU A 211 -3.15 6.55 -8.71
C LEU A 211 -3.10 8.03 -8.25
N ARG A 212 -4.05 8.41 -7.38
CA ARG A 212 -4.21 9.81 -6.99
C ARG A 212 -3.97 9.94 -5.51
N ARG A 213 -3.25 10.97 -5.04
CA ARG A 213 -2.99 11.09 -3.61
C ARG A 213 -3.43 12.41 -3.08
N ILE A 214 -4.09 12.33 -1.94
CA ILE A 214 -4.49 13.48 -1.22
C ILE A 214 -3.58 13.60 0.00
N LYS A 215 -2.89 14.72 0.11
CA LYS A 215 -2.11 14.99 1.32
CA LYS A 215 -2.09 15.02 1.30
C LYS A 215 -2.98 15.63 2.38
N VAL A 216 -3.06 14.98 3.52
CA VAL A 216 -3.77 15.46 4.67
C VAL A 216 -2.77 15.88 5.79
N LYS A 217 -2.94 17.09 6.29
CA LYS A 217 -2.18 17.62 7.43
C LYS A 217 -3.08 17.90 8.62
N ALA A 218 -2.54 17.65 9.81
CA ALA A 218 -3.22 17.87 11.06
C ALA A 218 -2.16 18.07 12.18
N GLU A 219 -2.47 18.90 13.16
CA GLU A 219 -1.61 19.08 14.35
C GLU A 219 -2.41 19.03 15.63
N LEU A 220 -1.78 18.64 16.74
CA LEU A 220 -2.50 18.42 17.98
C LEU A 220 -3.23 19.65 18.53
S SO4 B . 1.74 8.03 4.44
O1 SO4 B . 1.70 9.41 3.96
O2 SO4 B . 3.13 7.57 4.59
O3 SO4 B . 1.07 7.89 5.74
O4 SO4 B . 1.12 7.19 3.43
NA NA C . -5.00 4.07 8.45
#